data_2XNP
#
_entry.id   2XNP
#
_cell.length_a   101.640
_cell.length_b   56.880
_cell.length_c   81.840
_cell.angle_alpha   90.00
_cell.angle_beta   133.63
_cell.angle_gamma   90.00
#
_symmetry.space_group_name_H-M   'C 1 2 1'
#
loop_
_entity.id
_entity.type
_entity.pdbx_description
1 polymer 'SERINE/THREONINE-PROTEIN KINASE NEK2'
2 non-polymer 4-{5-[(1-METHYLPIPERIDIN-4-YL)OXY]-1H-BENZIMIDAZOL-1-YL}-2-{(1R)-1-[2-(TRIFLUOROMETHYL)PHENYL]ETHOXY}BENZAMIDE
3 non-polymer 'CHLORIDE ION'
4 non-polymer 1,2-ETHANEDIOL
5 water water
#
_entity_poly.entity_id   1
_entity_poly.type   'polypeptide(L)'
_entity_poly.pdbx_seq_one_letter_code
;MPSRAEDYEVLYTIGTGSYGRCQKIRRKSDGKILVWKELDYGSMTEAEKQMLVSEVNLLRELKHPNIVRYYDRIIDRTNT
TLYIVMEYCEGGDLASVITKGTKERQYLDEEFVLRVMTQLTLALKECHRRSDGGHTVLHRDLKPANVFLDGKQNVKLGDF
GLARILNHDTSFAKTFVGTPYYMSPEQMNRMSYNEKSDIWSLGCLLYELCALMPPFTAFSQKELAGKIREGKFRRIPYRY
SDELNEIITRMLNLKDYHRPSVEEILENPLILEHHHHHH
;
_entity_poly.pdbx_strand_id   A
#
loop_
_chem_comp.id
_chem_comp.type
_chem_comp.name
_chem_comp.formula
CL non-polymer 'CHLORIDE ION' 'Cl -1'
EDO non-polymer 1,2-ETHANEDIOL 'C2 H6 O2'
WCX non-polymer 4-{5-[(1-METHYLPIPERIDIN-4-YL)OXY]-1H-BENZIMIDAZOL-1-YL}-2-{(1R)-1-[2-(TRIFLUOROMETHYL)PHENYL]ETHOXY}BENZAMIDE 'C29 H29 F3 N4 O3'
#
# COMPACT_ATOMS: atom_id res chain seq x y z
N SER A 3 -20.47 11.99 -15.57
CA SER A 3 -19.91 10.67 -15.30
C SER A 3 -20.65 9.59 -16.08
N ARG A 4 -20.15 9.27 -17.27
CA ARG A 4 -20.72 8.18 -18.05
C ARG A 4 -19.61 7.28 -18.59
N ALA A 5 -19.92 6.01 -18.76
CA ALA A 5 -18.93 5.04 -19.23
C ALA A 5 -18.45 5.40 -20.63
N GLU A 6 -19.32 6.00 -21.42
CA GLU A 6 -18.98 6.31 -22.80
C GLU A 6 -17.96 7.44 -22.89
N ASP A 7 -17.72 8.14 -21.79
CA ASP A 7 -16.67 9.16 -21.73
C ASP A 7 -15.27 8.53 -21.73
N TYR A 8 -15.18 7.22 -21.57
CA TYR A 8 -13.89 6.54 -21.51
C TYR A 8 -13.82 5.38 -22.48
N GLU A 9 -12.61 5.02 -22.88
CA GLU A 9 -12.38 3.84 -23.70
C GLU A 9 -11.46 2.83 -22.99
N VAL A 10 -11.89 1.58 -22.90
CA VAL A 10 -11.04 0.57 -22.27
C VAL A 10 -9.86 0.21 -23.16
N LEU A 11 -8.64 0.24 -22.64
CA LEU A 11 -7.47 -0.25 -23.37
C LEU A 11 -7.30 -1.76 -23.18
N TYR A 12 -7.20 -2.20 -21.93
CA TYR A 12 -7.21 -3.64 -21.64
C TYR A 12 -7.38 -3.86 -20.15
N THR A 13 -7.66 -5.10 -19.79
CA THR A 13 -7.84 -5.50 -18.40
C THR A 13 -6.49 -5.68 -17.75
N ILE A 14 -6.30 -5.14 -16.53
CA ILE A 14 -5.02 -5.36 -15.87
CA ILE A 14 -5.04 -5.26 -15.80
C ILE A 14 -5.08 -6.36 -14.74
N GLY A 15 -6.27 -6.61 -14.19
CA GLY A 15 -6.40 -7.58 -13.14
C GLY A 15 -7.84 -8.05 -13.05
N THR A 16 -8.03 -9.28 -12.57
CA THR A 16 -9.35 -9.82 -12.29
C THR A 16 -9.35 -10.48 -10.92
N GLY A 17 -10.46 -10.35 -10.20
CA GLY A 17 -10.56 -10.92 -8.87
C GLY A 17 -11.98 -11.28 -8.50
N TYR A 19 -13.52 -9.55 -6.59
CA TYR A 19 -14.10 -8.21 -6.48
C TYR A 19 -14.76 -7.78 -7.80
N GLY A 20 -14.19 -8.22 -8.91
CA GLY A 20 -14.57 -7.77 -10.24
C GLY A 20 -13.28 -7.60 -11.03
N ARG A 21 -13.19 -6.56 -11.86
CA ARG A 21 -11.92 -6.39 -12.59
C ARG A 21 -11.43 -4.95 -12.71
N CYS A 22 -10.14 -4.82 -12.91
CA CYS A 22 -9.49 -3.52 -13.01
CA CYS A 22 -9.55 -3.50 -13.05
C CYS A 22 -8.99 -3.36 -14.45
N GLN A 23 -9.30 -2.24 -15.08
CA GLN A 23 -8.92 -2.05 -16.46
C GLN A 23 -8.22 -0.74 -16.67
N LYS A 24 -7.26 -0.74 -17.58
CA LYS A 24 -6.60 0.49 -17.96
C LYS A 24 -7.48 1.17 -18.99
N ILE A 25 -7.74 2.47 -18.82
CA ILE A 25 -8.71 3.15 -19.70
C ILE A 25 -8.17 4.50 -20.15
N ARG A 26 -8.82 5.08 -21.14
CA ARG A 26 -8.39 6.36 -21.67
C ARG A 26 -9.58 7.33 -21.73
N ARG A 27 -9.43 8.47 -21.07
CA ARG A 27 -10.46 9.49 -21.06
C ARG A 27 -10.53 10.11 -22.46
N LYS A 28 -11.72 10.08 -23.07
CA LYS A 28 -11.86 10.55 -24.45
C LYS A 28 -11.56 12.03 -24.64
N SER A 29 -11.96 12.86 -23.69
CA SER A 29 -11.88 14.32 -23.87
C SER A 29 -10.45 14.83 -24.06
N ASP A 30 -9.49 14.26 -23.34
CA ASP A 30 -8.11 14.75 -23.35
C ASP A 30 -7.06 13.65 -23.47
N GLY A 31 -7.50 12.40 -23.54
CA GLY A 31 -6.55 11.30 -23.70
C GLY A 31 -5.92 10.81 -22.39
N LYS A 32 -6.39 11.29 -21.25
CA LYS A 32 -5.73 10.95 -20.00
C LYS A 32 -5.86 9.47 -19.71
N ILE A 33 -4.75 8.86 -19.32
CA ILE A 33 -4.73 7.44 -18.99
C ILE A 33 -5.08 7.21 -17.52
N LEU A 34 -6.06 6.36 -17.25
CA LEU A 34 -6.54 6.14 -15.89
C LEU A 34 -6.76 4.66 -15.72
N VAL A 35 -7.33 4.24 -14.60
CA VAL A 35 -7.85 2.90 -14.53
C VAL A 35 -9.23 2.95 -13.92
N TRP A 36 -10.00 1.89 -14.07
CA TRP A 36 -11.21 1.79 -13.27
C TRP A 36 -11.38 0.41 -12.70
N LYS A 37 -12.04 0.36 -11.53
CA LYS A 37 -12.48 -0.89 -10.92
C LYS A 37 -13.94 -1.10 -11.30
N GLU A 38 -14.22 -2.24 -11.89
CA GLU A 38 -15.55 -2.58 -12.39
C GLU A 38 -16.19 -3.52 -11.39
N LEU A 39 -17.32 -3.11 -10.81
CA LEU A 39 -17.97 -3.92 -9.79
C LEU A 39 -19.44 -4.19 -10.15
N ASP A 40 -19.84 -5.45 -10.15
CA ASP A 40 -21.24 -5.82 -10.44
C ASP A 40 -21.98 -5.84 -9.12
N TYR A 41 -22.94 -4.94 -8.95
CA TYR A 41 -23.65 -4.85 -7.68
C TYR A 41 -25.05 -5.49 -7.75
N GLY A 42 -25.32 -6.22 -8.83
CA GLY A 42 -26.61 -6.85 -9.03
C GLY A 42 -27.04 -7.84 -7.96
N SER A 43 -26.08 -8.52 -7.32
CA SER A 43 -26.39 -9.51 -6.28
C SER A 43 -26.37 -8.92 -4.87
N MET A 44 -26.18 -7.61 -4.78
CA MET A 44 -26.06 -6.93 -3.49
C MET A 44 -27.39 -6.50 -2.91
N THR A 45 -27.47 -6.53 -1.59
CA THR A 45 -28.68 -6.07 -0.91
C THR A 45 -28.62 -4.57 -0.79
N GLU A 46 -29.71 -3.94 -0.36
CA GLU A 46 -29.70 -2.49 -0.19
C GLU A 46 -28.62 -2.11 0.84
N ALA A 47 -28.55 -2.88 1.93
CA ALA A 47 -27.57 -2.64 2.99
C ALA A 47 -26.15 -2.66 2.47
N GLU A 48 -25.80 -3.71 1.74
CA GLU A 48 -24.47 -3.82 1.17
C GLU A 48 -24.22 -2.72 0.15
N LYS A 49 -25.24 -2.38 -0.63
CA LYS A 49 -25.09 -1.29 -1.59
C LYS A 49 -24.87 0.03 -0.84
N GLN A 50 -25.44 0.14 0.35
CA GLN A 50 -25.31 1.35 1.16
C GLN A 50 -23.91 1.49 1.75
N MET A 51 -23.34 0.38 2.21
CA MET A 51 -21.98 0.35 2.71
C MET A 51 -20.99 0.58 1.57
N LEU A 52 -21.44 0.42 0.34
CA LEU A 52 -20.58 0.66 -0.80
C LEU A 52 -20.55 2.16 -1.11
N VAL A 53 -21.68 2.81 -0.93
CA VAL A 53 -21.79 4.26 -1.11
C VAL A 53 -20.88 5.01 -0.13
N SER A 54 -20.96 4.64 1.15
CA SER A 54 -20.19 5.30 2.18
C SER A 54 -18.69 5.10 1.95
N GLU A 55 -18.31 3.85 1.71
CA GLU A 55 -16.96 3.51 1.27
C GLU A 55 -16.46 4.46 0.18
N VAL A 56 -17.20 4.57 -0.92
CA VAL A 56 -16.80 5.42 -2.04
C VAL A 56 -16.66 6.88 -1.60
N ASN A 57 -17.53 7.29 -0.69
CA ASN A 57 -17.46 8.61 -0.06
C ASN A 57 -16.19 8.84 0.75
N LEU A 58 -15.70 7.79 1.40
CA LEU A 58 -14.44 7.85 2.14
C LEU A 58 -13.23 7.91 1.22
N LEU A 59 -13.31 7.24 0.08
CA LEU A 59 -12.25 7.26 -0.92
C LEU A 59 -12.10 8.66 -1.50
N ARG A 60 -13.21 9.37 -1.59
CA ARG A 60 -13.22 10.66 -2.27
C ARG A 60 -12.74 11.81 -1.38
N GLU A 61 -12.68 11.57 -0.06
CA GLU A 61 -12.31 12.61 0.90
C GLU A 61 -10.80 12.77 1.18
N LEU A 62 -10.00 11.82 0.73
CA LEU A 62 -8.56 11.87 0.97
C LEU A 62 -7.81 12.27 -0.30
N LYS A 63 -7.26 13.47 -0.33
CA LYS A 63 -6.44 13.90 -1.46
C LYS A 63 -5.03 14.22 -0.99
N HIS A 64 -4.06 13.50 -1.54
CA HIS A 64 -2.68 13.58 -1.06
C HIS A 64 -1.80 12.95 -2.16
N PRO A 65 -0.61 13.52 -2.38
CA PRO A 65 0.30 13.03 -3.45
C PRO A 65 0.71 11.58 -3.22
N ASN A 66 0.71 11.12 -1.98
CA ASN A 66 1.10 9.72 -1.74
C ASN A 66 -0.07 8.76 -1.45
N ILE A 67 -1.27 9.18 -1.83
CA ILE A 67 -2.44 8.32 -1.72
CA ILE A 67 -2.47 8.35 -1.72
C ILE A 67 -3.06 8.18 -3.13
N VAL A 68 -3.35 6.95 -3.56
CA VAL A 68 -3.86 6.77 -4.92
C VAL A 68 -5.12 7.64 -5.09
N ARG A 69 -5.16 8.44 -6.14
CA ARG A 69 -6.20 9.45 -6.27
C ARG A 69 -7.44 8.88 -6.93
N TYR A 70 -8.59 9.21 -6.34
CA TYR A 70 -9.90 8.86 -6.89
C TYR A 70 -10.31 9.99 -7.86
N TYR A 71 -10.89 9.61 -9.00
CA TYR A 71 -11.31 10.59 -10.01
C TYR A 71 -12.81 10.72 -10.19
N ASP A 72 -13.53 9.61 -10.07
CA ASP A 72 -14.91 9.61 -10.56
C ASP A 72 -15.56 8.29 -10.20
N ARG A 73 -16.88 8.28 -10.16
CA ARG A 73 -17.62 7.05 -9.95
C ARG A 73 -18.73 7.06 -10.99
N ILE A 74 -18.92 5.92 -11.65
CA ILE A 74 -19.87 5.83 -12.73
C ILE A 74 -20.79 4.66 -12.48
N ILE A 75 -22.09 4.92 -12.59
CA ILE A 75 -23.10 3.88 -12.40
C ILE A 75 -23.68 3.50 -13.75
N ASP A 76 -23.50 2.23 -14.12
CA ASP A 76 -24.20 1.68 -15.29
C ASP A 76 -25.36 0.81 -14.79
N ARG A 77 -26.45 1.45 -14.41
CA ARG A 77 -27.60 0.77 -13.80
C ARG A 77 -28.19 -0.30 -14.71
N THR A 78 -27.82 -0.28 -15.98
CA THR A 78 -28.27 -1.28 -16.92
C THR A 78 -27.62 -2.63 -16.66
N ASN A 79 -26.28 -2.64 -16.69
CA ASN A 79 -25.53 -3.86 -16.43
C ASN A 79 -25.29 -4.03 -14.93
N THR A 80 -26.02 -3.25 -14.14
CA THR A 80 -25.78 -3.15 -12.70
C THR A 80 -24.28 -3.17 -12.43
N THR A 81 -23.54 -2.31 -13.10
CA THR A 81 -22.11 -2.19 -12.83
C THR A 81 -21.74 -0.81 -12.34
N LEU A 82 -20.90 -0.76 -11.31
CA LEU A 82 -20.34 0.48 -10.80
C LEU A 82 -18.84 0.53 -11.13
N TYR A 83 -18.39 1.63 -11.75
CA TYR A 83 -16.98 1.84 -12.04
C TYR A 83 -16.36 2.88 -11.13
N ILE A 84 -15.26 2.54 -10.48
CA ILE A 84 -14.52 3.53 -9.74
C ILE A 84 -13.25 3.89 -10.53
N VAL A 85 -13.12 5.16 -10.89
CA VAL A 85 -12.04 5.65 -11.72
C VAL A 85 -10.94 6.17 -10.83
N MET A 86 -9.73 5.73 -11.08
CA MET A 86 -8.58 6.12 -10.25
C MET A 86 -7.32 6.36 -11.11
N GLU A 87 -6.26 6.86 -10.50
CA GLU A 87 -5.02 7.11 -11.25
C GLU A 87 -4.35 5.81 -11.69
N TYR A 88 -3.70 5.90 -12.84
CA TYR A 88 -2.93 4.78 -13.39
C TYR A 88 -1.51 4.84 -12.84
N CYS A 89 -1.05 3.73 -12.27
CA CYS A 89 0.29 3.68 -11.68
C CYS A 89 1.17 2.78 -12.49
N GLU A 90 1.94 3.35 -13.40
CA GLU A 90 2.63 2.55 -14.42
C GLU A 90 3.62 1.52 -13.87
N GLY A 91 4.16 1.75 -12.66
CA GLY A 91 5.11 0.82 -12.08
C GLY A 91 4.43 -0.32 -11.35
N GLY A 92 3.12 -0.30 -11.28
CA GLY A 92 2.40 -1.41 -10.65
C GLY A 92 2.57 -1.43 -9.13
N ASP A 93 2.35 -2.58 -8.50
CA ASP A 93 2.34 -2.66 -7.04
C ASP A 93 3.66 -3.20 -6.49
N LEU A 94 3.91 -2.97 -5.20
CA LEU A 94 5.20 -3.33 -4.59
C LEU A 94 5.33 -4.84 -4.40
N ALA A 95 4.22 -5.56 -4.19
CA ALA A 95 4.34 -7.02 -4.01
C ALA A 95 4.96 -7.63 -5.26
N SER A 96 4.57 -7.12 -6.43
CA SER A 96 5.12 -7.66 -7.68
C SER A 96 6.59 -7.30 -7.82
N VAL A 97 6.97 -6.13 -7.30
CA VAL A 97 8.38 -5.76 -7.29
C VAL A 97 9.24 -6.69 -6.41
N ILE A 98 8.75 -7.05 -5.24
CA ILE A 98 9.45 -7.96 -4.33
C ILE A 98 9.54 -9.35 -4.96
N THR A 99 8.43 -9.83 -5.47
CA THR A 99 8.41 -11.13 -6.15
C THR A 99 9.43 -11.15 -7.28
N LYS A 100 9.44 -10.11 -8.08
CA LYS A 100 10.42 -10.01 -9.15
C LYS A 100 11.85 -10.09 -8.61
N GLY A 101 12.15 -9.34 -7.55
CA GLY A 101 13.48 -9.40 -6.97
C GLY A 101 13.82 -10.81 -6.45
N THR A 102 12.83 -11.45 -5.83
CA THR A 102 13.00 -12.77 -5.24
C THR A 102 13.33 -13.78 -6.33
N LYS A 103 12.52 -13.75 -7.39
CA LYS A 103 12.72 -14.67 -8.53
C LYS A 103 13.98 -14.35 -9.34
N GLU A 104 14.28 -13.07 -9.52
CA GLU A 104 15.47 -12.65 -10.26
C GLU A 104 16.75 -12.66 -9.41
N ARG A 105 16.59 -12.94 -8.11
CA ARG A 105 17.70 -12.87 -7.18
C ARG A 105 18.46 -11.55 -7.30
N GLN A 106 17.72 -10.45 -7.18
CA GLN A 106 18.31 -9.12 -7.24
C GLN A 106 17.67 -8.20 -6.20
N TYR A 107 18.48 -7.73 -5.26
CA TYR A 107 18.02 -6.82 -4.21
C TYR A 107 17.71 -5.43 -4.79
N LEU A 108 16.80 -4.69 -4.16
CA LEU A 108 16.52 -3.32 -4.60
CA LEU A 108 16.50 -3.31 -4.56
C LEU A 108 17.51 -2.29 -4.04
N ASP A 109 17.73 -1.23 -4.80
CA ASP A 109 18.64 -0.16 -4.36
C ASP A 109 18.19 0.49 -3.04
N GLU A 110 19.14 0.85 -2.19
CA GLU A 110 18.84 1.61 -0.98
C GLU A 110 18.04 2.89 -1.32
N GLU A 111 18.40 3.58 -2.39
CA GLU A 111 17.69 4.80 -2.76
C GLU A 111 16.18 4.52 -2.93
N PHE A 112 15.86 3.41 -3.57
CA PHE A 112 14.45 3.09 -3.78
C PHE A 112 13.78 2.78 -2.45
N VAL A 113 14.48 2.07 -1.57
CA VAL A 113 13.90 1.80 -0.25
C VAL A 113 13.62 3.09 0.55
N LEU A 114 14.53 4.04 0.46
CA LEU A 114 14.33 5.35 1.12
C LEU A 114 13.14 6.12 0.57
N ARG A 115 12.95 6.06 -0.74
CA ARG A 115 11.79 6.70 -1.34
CA ARG A 115 11.78 6.69 -1.38
C ARG A 115 10.49 6.09 -0.80
N VAL A 116 10.45 4.76 -0.75
CA VAL A 116 9.27 4.09 -0.20
C VAL A 116 9.05 4.48 1.26
N MET A 117 10.12 4.41 2.06
CA MET A 117 9.99 4.79 3.47
C MET A 117 9.46 6.23 3.61
N THR A 118 10.08 7.16 2.90
CA THR A 118 9.72 8.60 3.02
C THR A 118 8.26 8.82 2.63
N GLN A 119 7.89 8.34 1.46
CA GLN A 119 6.56 8.63 0.92
C GLN A 119 5.43 7.86 1.63
N LEU A 120 5.68 6.62 2.03
CA LEU A 120 4.67 5.91 2.82
C LEU A 120 4.49 6.47 4.23
N THR A 121 5.58 6.94 4.83
CA THR A 121 5.47 7.57 6.15
C THR A 121 4.63 8.86 6.00
N LEU A 122 4.80 9.59 4.90
CA LEU A 122 3.93 10.75 4.66
C LEU A 122 2.47 10.36 4.41
N ALA A 123 2.24 9.26 3.69
CA ALA A 123 0.87 8.79 3.49
C ALA A 123 0.27 8.44 4.83
N LEU A 124 1.05 7.72 5.63
CA LEU A 124 0.59 7.36 6.96
C LEU A 124 0.28 8.57 7.81
N LYS A 125 1.14 9.57 7.78
CA LYS A 125 0.90 10.79 8.54
C LYS A 125 -0.46 11.40 8.18
N GLU A 126 -0.75 11.44 6.89
CA GLU A 126 -2.02 12.00 6.43
C GLU A 126 -3.20 11.12 6.89
N CYS A 127 -3.04 9.79 6.87
CA CYS A 127 -4.12 8.91 7.36
C CYS A 127 -4.39 9.17 8.83
N HIS A 128 -3.34 9.35 9.62
CA HIS A 128 -3.53 9.60 11.04
C HIS A 128 -4.18 10.96 11.24
N ARG A 129 -3.78 11.94 10.44
CA ARG A 129 -4.31 13.29 10.59
C ARG A 129 -5.82 13.26 10.43
N ARG A 130 -6.29 12.58 9.39
CA ARG A 130 -7.71 12.47 9.12
C ARG A 130 -8.44 11.86 10.33
N SER A 131 -7.96 10.70 10.77
CA SER A 131 -8.55 10.03 11.93
C SER A 131 -8.41 10.86 13.20
N HIS A 139 -9.31 1.98 7.68
CA HIS A 139 -7.86 2.01 7.65
C HIS A 139 -7.31 1.32 6.40
N ARG A 140 -6.33 1.95 5.76
CA ARG A 140 -5.71 1.41 4.55
C ARG A 140 -4.55 0.48 4.93
N ASP A 141 -4.52 -0.71 4.35
CA ASP A 141 -3.51 -1.70 4.69
C ASP A 141 -2.11 -1.30 4.28
N LEU A 142 -1.17 -1.30 5.22
CA LEU A 142 0.23 -1.15 4.88
C LEU A 142 0.80 -2.52 4.52
N LYS A 143 0.70 -2.88 3.26
CA LYS A 143 1.22 -4.14 2.76
C LYS A 143 1.63 -3.93 1.31
N PRO A 144 2.61 -4.71 0.83
CA PRO A 144 3.17 -4.49 -0.51
C PRO A 144 2.11 -4.44 -1.62
N ALA A 145 1.10 -5.31 -1.56
CA ALA A 145 0.06 -5.33 -2.59
C ALA A 145 -0.76 -4.04 -2.63
N ASN A 146 -0.66 -3.23 -1.58
CA ASN A 146 -1.46 -2.02 -1.51
C ASN A 146 -0.61 -0.76 -1.70
N VAL A 147 0.59 -0.95 -2.24
CA VAL A 147 1.49 0.20 -2.48
C VAL A 147 1.87 0.24 -3.95
N PHE A 148 1.75 1.43 -4.56
CA PHE A 148 1.78 1.55 -6.01
C PHE A 148 2.84 2.57 -6.42
N LEU A 149 3.39 2.37 -7.62
CA LEU A 149 4.48 3.20 -8.11
C LEU A 149 4.01 3.83 -9.40
N ASP A 150 4.14 5.15 -9.54
CA ASP A 150 3.74 5.78 -10.79
C ASP A 150 4.96 5.88 -11.72
N GLY A 151 4.89 6.71 -12.75
CA GLY A 151 5.96 6.76 -13.73
C GLY A 151 7.06 7.79 -13.44
N LYS A 152 7.01 8.36 -12.24
CA LYS A 152 7.89 9.46 -11.88
C LYS A 152 8.57 9.27 -10.55
N GLN A 153 8.68 8.01 -10.13
CA GLN A 153 9.36 7.65 -8.88
C GLN A 153 8.55 7.98 -7.64
N ASN A 154 7.23 8.05 -7.80
CA ASN A 154 6.38 8.36 -6.68
C ASN A 154 5.74 7.08 -6.19
N VAL A 155 5.40 7.08 -4.91
CA VAL A 155 4.88 5.89 -4.25
C VAL A 155 3.54 6.26 -3.62
N LYS A 156 2.52 5.41 -3.80
CA LYS A 156 1.19 5.77 -3.31
C LYS A 156 0.51 4.60 -2.64
N LEU A 157 -0.22 4.90 -1.57
CA LEU A 157 -0.94 3.90 -0.80
C LEU A 157 -2.35 3.79 -1.36
N GLY A 158 -2.81 2.55 -1.58
CA GLY A 158 -4.14 2.32 -2.14
C GLY A 158 -5.23 2.05 -1.12
N ASP A 159 -6.37 1.52 -1.57
CA ASP A 159 -7.57 1.47 -0.73
C ASP A 159 -7.87 0.11 -0.11
N PHE A 160 -6.98 -0.88 -0.27
CA PHE A 160 -7.15 -2.17 0.40
C PHE A 160 -7.34 -1.98 1.90
N GLY A 161 -8.32 -2.67 2.48
CA GLY A 161 -8.64 -2.49 3.89
C GLY A 161 -9.56 -1.32 4.20
N LEU A 162 -9.62 -0.36 3.30
CA LEU A 162 -10.37 0.88 3.53
C LEU A 162 -11.74 0.83 2.86
N PHE A 176 -8.34 -14.76 5.67
CA PHE A 176 -8.43 -15.89 6.60
C PHE A 176 -7.37 -16.94 6.32
N VAL A 177 -7.29 -17.38 5.07
CA VAL A 177 -6.31 -18.38 4.68
C VAL A 177 -4.88 -17.87 4.90
N GLY A 178 -4.67 -16.58 4.68
CA GLY A 178 -3.33 -16.01 4.73
C GLY A 178 -2.71 -15.92 6.12
N THR A 179 -1.39 -16.00 6.16
CA THR A 179 -0.66 -15.77 7.40
C THR A 179 -0.57 -14.25 7.60
N PRO A 180 -0.88 -13.76 8.83
CA PRO A 180 -0.83 -12.30 9.06
C PRO A 180 0.59 -11.84 9.41
N TYR A 181 1.51 -11.96 8.44
CA TYR A 181 2.92 -11.63 8.63
C TYR A 181 3.20 -10.31 9.35
N TYR A 182 2.37 -9.30 9.09
CA TYR A 182 2.62 -7.94 9.59
C TYR A 182 1.89 -7.54 10.88
N MET A 183 1.21 -8.48 11.54
CA MET A 183 0.51 -8.09 12.77
C MET A 183 1.51 -7.72 13.86
N SER A 184 1.25 -6.62 14.57
CA SER A 184 2.12 -6.16 15.63
C SER A 184 1.88 -6.93 16.91
N PRO A 185 2.86 -6.89 17.83
CA PRO A 185 2.74 -7.59 19.10
C PRO A 185 1.48 -7.20 19.86
N GLU A 186 1.17 -5.90 19.93
CA GLU A 186 0.03 -5.45 20.73
C GLU A 186 -1.28 -5.79 20.06
N GLN A 187 -1.24 -6.07 18.76
CA GLN A 187 -2.43 -6.52 18.05
C GLN A 187 -2.64 -8.01 18.25
N MET A 188 -1.55 -8.75 18.45
CA MET A 188 -1.65 -10.17 18.79
C MET A 188 -2.63 -10.41 19.94
N ASN A 189 -2.93 -9.37 20.71
CA ASN A 189 -3.77 -9.52 21.90
C ASN A 189 -4.75 -8.36 22.18
N ARG A 190 -4.39 -7.15 21.75
CA ARG A 190 -5.21 -5.98 22.05
C ARG A 190 -5.08 -4.93 20.95
N ASN A 194 -3.98 2.11 17.78
CA ASN A 194 -2.64 2.51 18.16
C ASN A 194 -1.83 2.86 16.92
N GLU A 195 -1.51 4.14 16.76
CA GLU A 195 -0.75 4.60 15.61
C GLU A 195 0.66 3.99 15.58
N LYS A 196 1.17 3.61 16.74
CA LYS A 196 2.48 2.95 16.77
C LYS A 196 2.40 1.58 16.13
N SER A 197 1.21 0.98 16.09
CA SER A 197 1.06 -0.32 15.42
C SER A 197 1.25 -0.16 13.94
N ASP A 198 0.86 0.98 13.39
CA ASP A 198 1.07 1.22 11.97
C ASP A 198 2.58 1.32 11.69
N ILE A 199 3.34 1.81 12.67
CA ILE A 199 4.78 1.93 12.49
C ILE A 199 5.42 0.54 12.41
N TRP A 200 4.94 -0.38 13.24
CA TRP A 200 5.42 -1.76 13.15
C TRP A 200 5.15 -2.33 11.75
N SER A 201 3.94 -2.14 11.25
CA SER A 201 3.60 -2.70 9.92
C SER A 201 4.47 -2.09 8.85
N LEU A 202 4.70 -0.78 8.92
CA LEU A 202 5.59 -0.15 7.93
C LEU A 202 6.99 -0.73 8.04
N GLY A 203 7.42 -0.99 9.26
CA GLY A 203 8.73 -1.60 9.47
C GLY A 203 8.77 -2.95 8.77
N CYS A 204 7.68 -3.73 8.87
CA CYS A 204 7.70 -5.06 8.29
C CYS A 204 7.81 -4.94 6.77
N LEU A 205 7.13 -3.93 6.23
CA LEU A 205 7.05 -3.74 4.80
C LEU A 205 8.41 -3.36 4.28
N LEU A 206 9.06 -2.40 4.94
CA LEU A 206 10.37 -1.94 4.50
C LEU A 206 11.41 -3.06 4.67
N TYR A 207 11.29 -3.81 5.75
CA TYR A 207 12.18 -4.97 5.97
C TYR A 207 12.04 -5.96 4.78
N GLU A 208 10.80 -6.25 4.40
CA GLU A 208 10.58 -7.23 3.32
C GLU A 208 11.10 -6.70 1.97
N LEU A 209 10.98 -5.38 1.77
CA LEU A 209 11.49 -4.76 0.56
C LEU A 209 12.99 -4.96 0.50
N CYS A 210 13.67 -4.85 1.64
CA CYS A 210 15.14 -5.00 1.66
C CYS A 210 15.59 -6.45 1.57
N ALA A 211 14.99 -7.29 2.42
CA ALA A 211 15.41 -8.71 2.55
C ALA A 211 14.71 -9.62 1.55
N LEU A 212 13.62 -9.15 0.95
CA LEU A 212 12.83 -9.95 0.02
C LEU A 212 12.09 -11.05 0.74
N MET A 213 11.99 -10.93 2.06
CA MET A 213 11.20 -11.87 2.86
C MET A 213 10.81 -11.13 4.13
N PRO A 214 9.67 -11.50 4.75
CA PRO A 214 9.22 -10.74 5.92
C PRO A 214 10.12 -11.05 7.09
N PRO A 215 10.08 -10.22 8.14
CA PRO A 215 11.05 -10.43 9.23
C PRO A 215 10.71 -11.64 10.08
N PHE A 216 9.43 -12.01 10.15
CA PHE A 216 9.00 -13.18 10.90
C PHE A 216 8.20 -14.11 9.99
N THR A 217 8.58 -15.37 9.91
CA THR A 217 7.92 -16.30 9.00
C THR A 217 7.59 -17.53 9.79
N ALA A 218 6.58 -18.27 9.35
CA ALA A 218 6.17 -19.47 10.05
C ALA A 218 5.09 -20.13 9.23
N PHE A 219 4.78 -21.36 9.59
CA PHE A 219 3.81 -22.11 8.82
C PHE A 219 2.37 -21.92 9.34
N SER A 220 2.23 -21.55 10.61
CA SER A 220 0.91 -21.31 11.19
C SER A 220 0.89 -19.99 11.92
N GLN A 221 -0.29 -19.49 12.24
CA GLN A 221 -0.38 -18.23 12.95
C GLN A 221 0.17 -18.33 14.38
N LYS A 222 0.00 -19.51 14.97
CA LYS A 222 0.47 -19.74 16.32
C LYS A 222 2.00 -19.70 16.40
N GLU A 223 2.65 -20.37 15.44
CA GLU A 223 4.11 -20.35 15.35
C GLU A 223 4.58 -18.91 15.08
N LEU A 224 3.86 -18.24 14.19
CA LEU A 224 4.15 -16.84 13.90
C LEU A 224 4.10 -15.98 15.15
N ALA A 225 3.06 -16.16 15.95
CA ALA A 225 2.85 -15.31 17.12
C ALA A 225 3.99 -15.56 18.09
N GLY A 226 4.45 -16.81 18.12
CA GLY A 226 5.63 -17.16 18.91
C GLY A 226 6.87 -16.37 18.49
N LYS A 227 7.17 -16.36 17.18
CA LYS A 227 8.34 -15.61 16.69
C LYS A 227 8.22 -14.11 16.91
N ILE A 228 7.02 -13.57 16.73
CA ILE A 228 6.80 -12.13 16.85
C ILE A 228 7.04 -11.69 18.27
N ARG A 229 6.49 -12.44 19.23
CA ARG A 229 6.73 -12.19 20.65
C ARG A 229 8.21 -12.15 21.06
N GLU A 230 9.03 -13.06 20.53
CA GLU A 230 10.45 -13.07 20.82
C GLU A 230 11.13 -11.83 20.22
N GLY A 231 10.67 -11.37 19.07
CA GLY A 231 11.09 -10.10 18.49
C GLY A 231 12.46 -10.12 17.84
N LYS A 232 12.94 -11.32 17.49
CA LYS A 232 14.25 -11.50 16.84
C LYS A 232 14.07 -11.71 15.34
N PHE A 233 15.02 -11.21 14.55
CA PHE A 233 14.98 -11.38 13.09
C PHE A 233 16.39 -11.15 12.55
N ARG A 234 16.66 -11.57 11.32
CA ARG A 234 17.97 -11.37 10.71
C ARG A 234 18.21 -9.87 10.43
N ARG A 235 19.47 -9.44 10.40
CA ARG A 235 19.74 -8.09 9.92
C ARG A 235 19.31 -8.05 8.45
N ILE A 236 18.89 -6.88 7.94
CA ILE A 236 18.66 -6.76 6.49
C ILE A 236 20.02 -6.95 5.82
N PRO A 237 20.04 -7.26 4.52
CA PRO A 237 21.31 -7.59 3.84
C PRO A 237 22.40 -6.53 3.99
N TYR A 238 23.68 -6.94 3.93
CA TYR A 238 24.80 -6.01 4.16
C TYR A 238 24.99 -4.89 3.14
N ARG A 239 24.41 -5.05 1.96
CA ARG A 239 24.38 -3.93 1.01
C ARG A 239 23.68 -2.67 1.56
N TYR A 240 22.78 -2.82 2.53
CA TYR A 240 22.08 -1.69 3.15
C TYR A 240 22.84 -1.10 4.34
N SER A 241 22.87 0.22 4.43
CA SER A 241 23.65 0.93 5.46
C SER A 241 23.18 0.61 6.87
N ASP A 242 24.10 0.71 7.83
CA ASP A 242 23.75 0.53 9.22
C ASP A 242 22.65 1.54 9.63
N GLU A 243 22.68 2.72 9.04
CA GLU A 243 21.65 3.70 9.36
C GLU A 243 20.24 3.22 8.94
N LEU A 244 20.11 2.67 7.74
CA LEU A 244 18.82 2.12 7.32
C LEU A 244 18.44 0.89 8.15
N ASN A 245 19.38 -0.01 8.39
CA ASN A 245 19.06 -1.14 9.24
C ASN A 245 18.53 -0.65 10.62
N GLU A 246 19.17 0.39 11.14
CA GLU A 246 18.82 0.90 12.47
C GLU A 246 17.38 1.38 12.54
N ILE A 247 16.98 2.17 11.55
CA ILE A 247 15.61 2.69 11.64
C ILE A 247 14.54 1.62 11.42
N ILE A 248 14.80 0.70 10.51
CA ILE A 248 13.86 -0.40 10.35
C ILE A 248 13.77 -1.25 11.64
N THR A 249 14.93 -1.52 12.22
CA THR A 249 14.97 -2.25 13.47
C THR A 249 14.18 -1.55 14.58
N ARG A 250 14.32 -0.22 14.69
CA ARG A 250 13.52 0.55 15.67
C ARG A 250 12.00 0.44 15.44
N MET A 251 11.56 0.48 14.19
CA MET A 251 10.14 0.32 13.90
C MET A 251 9.66 -1.04 14.37
N LEU A 252 10.57 -2.01 14.40
CA LEU A 252 10.21 -3.38 14.85
C LEU A 252 10.46 -3.62 16.34
N ASN A 253 10.55 -2.56 17.13
CA ASN A 253 10.70 -2.78 18.58
C ASN A 253 9.45 -3.44 19.15
N LEU A 254 9.60 -4.36 20.10
CA LEU A 254 8.42 -4.99 20.74
C LEU A 254 7.51 -4.00 21.49
N LYS A 255 8.11 -2.98 22.09
CA LYS A 255 7.36 -1.95 22.80
C LYS A 255 6.92 -0.85 21.84
N ASP A 256 5.62 -0.58 21.74
CA ASP A 256 5.16 0.48 20.85
C ASP A 256 5.79 1.84 21.14
N TYR A 257 5.98 2.15 22.42
CA TYR A 257 6.56 3.44 22.79
C TYR A 257 8.06 3.59 22.49
N HIS A 258 8.76 2.52 22.08
CA HIS A 258 10.13 2.67 21.59
C HIS A 258 10.22 2.81 20.06
N ARG A 259 9.13 2.55 19.35
CA ARG A 259 9.12 2.77 17.90
C ARG A 259 9.08 4.27 17.64
N PRO A 260 9.75 4.72 16.56
CA PRO A 260 9.76 6.14 16.28
C PRO A 260 8.39 6.59 15.77
N SER A 261 8.02 7.83 16.03
CA SER A 261 6.79 8.37 15.45
C SER A 261 7.05 8.71 13.97
N VAL A 262 5.99 9.08 13.26
CA VAL A 262 6.11 9.58 11.90
C VAL A 262 7.12 10.71 11.86
N GLU A 263 7.03 11.59 12.85
CA GLU A 263 7.89 12.76 12.91
C GLU A 263 9.34 12.39 13.10
N GLU A 264 9.60 11.45 14.00
CA GLU A 264 10.96 11.01 14.25
C GLU A 264 11.55 10.27 13.06
N ILE A 265 10.72 9.54 12.31
CA ILE A 265 11.20 8.89 11.09
C ILE A 265 11.68 9.93 10.06
N LEU A 266 10.87 10.95 9.85
CA LEU A 266 11.16 11.93 8.80
C LEU A 266 12.34 12.83 9.18
N GLU A 267 12.61 12.95 10.47
CA GLU A 267 13.82 13.66 10.91
C GLU A 267 15.10 12.91 10.63
N ASN A 268 15.02 11.63 10.29
CA ASN A 268 16.26 10.86 10.11
C ASN A 268 17.18 11.47 9.02
N PRO A 269 18.50 11.53 9.30
CA PRO A 269 19.41 12.10 8.29
C PRO A 269 19.40 11.39 6.93
N LEU A 270 18.99 10.12 6.86
CA LEU A 270 18.88 9.42 5.57
C LEU A 270 17.92 10.10 4.59
N ILE A 271 16.87 10.71 5.14
CA ILE A 271 15.74 11.21 4.31
C ILE A 271 15.96 12.60 3.76
N LEU A 272 16.03 12.71 2.43
CA LEU A 272 16.30 13.96 1.72
C LEU A 272 15.16 14.38 0.78
N GLU A 273 15.26 15.60 0.25
CA GLU A 273 14.19 16.14 -0.55
C GLU A 273 13.89 15.23 -1.72
N HIS A 274 14.93 14.72 -2.38
CA HIS A 274 14.72 13.92 -3.59
C HIS A 274 13.98 12.60 -3.33
N HIS A 275 13.90 12.18 -2.06
CA HIS A 275 13.16 10.95 -1.72
C HIS A 275 11.65 11.18 -1.64
N HIS A 276 11.24 12.44 -1.69
CA HIS A 276 9.82 12.82 -1.57
C HIS A 276 9.17 12.76 -2.95
N HIS A 277 7.87 13.03 -3.01
CA HIS A 277 7.20 12.99 -4.30
C HIS A 277 7.58 14.20 -5.16
N HIS A 278 7.54 14.03 -6.48
CA HIS A 278 7.67 15.13 -7.45
C HIS A 278 6.66 14.97 -8.58
N HIS A 279 6.02 16.07 -8.93
CA HIS A 279 5.09 16.08 -10.05
C HIS A 279 5.80 15.95 -11.40
C01 WCX B . -7.32 -4.34 -7.60
C02 WCX B . -6.21 -3.34 -7.98
O03 WCX B . -6.26 -2.28 -7.06
C04 WCX B . -5.59 -1.08 -7.36
C05 WCX B . -4.88 -0.92 -8.68
C06 WCX B . -4.13 0.34 -8.94
N09 WCX B . -2.53 1.48 -11.88
C08 WCX B . -3.41 1.69 -10.78
N07 WCX B . -3.44 0.50 -10.07
C23 WCX B . -2.60 -0.45 -10.68
C22 WCX B . -2.27 -1.87 -10.36
C21 WCX B . -1.37 -2.61 -11.21
C12 WCX B . -0.81 -1.94 -12.37
O13 WCX B . 0.09 -2.60 -13.22
C14 WCX B . -0.12 -2.21 -14.58
C15 WCX B . -0.11 -3.41 -15.54
C16 WCX B . 1.08 -4.35 -15.25
N17 WCX B . 2.38 -3.67 -15.14
C18 WCX B . 3.57 -4.52 -14.86
C19 WCX B . 2.37 -2.47 -14.25
C20 WCX B . 1.23 -1.46 -14.63
C11 WCX B . -1.13 -0.55 -12.69
C10 WCX B . -2.07 0.18 -11.83
C24 WCX B . -4.13 1.43 -7.96
C25 WCX B . -4.86 1.29 -6.68
C26 WCX B . -5.58 0.03 -6.39
C27 WCX B . -6.32 -0.06 -5.02
N28 WCX B . -7.11 -1.25 -4.67
O29 WCX B . -6.26 0.86 -4.29
C30 WCX B . -4.81 -4.02 -7.88
C31 WCX B . -4.09 -3.99 -6.61
C32 WCX B . -2.79 -4.66 -6.52
C33 WCX B . -2.21 -5.33 -7.70
C34 WCX B . -2.94 -5.36 -8.99
C35 WCX B . -4.23 -4.73 -9.08
C36 WCX B . -5.00 -4.75 -10.44
F39 WCX B . -4.28 -5.49 -11.31
F38 WCX B . -5.11 -3.48 -10.92
F37 WCX B . -6.25 -5.31 -10.29
CL CL C . 18.92 -12.59 -3.42
CL CL D . 3.14 13.46 -7.05
CL CL E . 14.28 -12.92 9.82
C1 EDO F . 4.77 -11.77 3.27
O1 EDO F . 5.19 -12.30 2.00
C2 EDO F . 3.68 -10.72 3.08
O2 EDO F . 4.23 -9.48 2.56
C1 EDO G . 24.65 2.31 12.98
O1 EDO G . 23.56 1.76 13.72
C2 EDO G . 24.32 3.74 12.58
O2 EDO G . 22.91 3.93 12.70
C1 EDO H . 12.08 12.72 -9.95
O1 EDO H . 11.93 11.64 -9.02
C2 EDO H . 11.39 12.38 -11.28
O2 EDO H . 9.98 12.58 -11.15
C1 EDO I . 2.46 7.67 16.35
O1 EDO I . 3.30 8.50 17.18
C2 EDO I . 3.00 7.53 14.93
O2 EDO I . 3.46 8.78 14.42
CL CL J . 15.57 -8.85 20.84
C1 EDO K . 12.59 18.12 7.08
O1 EDO K . 12.60 16.94 7.87
C2 EDO K . 13.25 19.18 7.94
O2 EDO K . 14.62 18.79 8.05
#